data_5HRG
#
_entry.id   5HRG
#
_cell.length_a   44.060
_cell.length_b   51.170
_cell.length_c   55.540
_cell.angle_alpha   68.35
_cell.angle_beta   86.25
_cell.angle_gamma   88.20
#
_symmetry.space_group_name_H-M   'P 1'
#
loop_
_entity.id
_entity.type
_entity.pdbx_description
1 polymer 'DNA polymerase beta-like protein'
2 polymer "DNA (5'-D(*GP*CP*GP*AP*TP*CP*GP*C)-3')"
3 non-polymer 'MANGANESE (II) ION'
4 non-polymer 'SULFATE ION'
5 water water
#
loop_
_entity_poly.entity_id
_entity_poly.type
_entity_poly.pdbx_seq_one_letter_code
_entity_poly.pdbx_strand_id
1 'polypeptide(L)'
;SGGGMLTLIQGKKIVNHLRSRLAFEYNGQLIKILSKNIVAVGSLRREEKMLNDVNLLIIVPEKKLLKHVLPNIRIKGLSF
SVKVCGERKCVLFIEWEKKTYQLDLFTALAEEKPYAIFHFTGPVSYLIRIRAALKKKNYKLNQYGLFKNQTLVPLKITTE
KELIKELGFTYRIPKKRL
;
A,B
2 'polydeoxyribonucleotide' (DG)(DC)(DG)(DA)(DT)(DC)(DG)(DC) C,D
#
loop_
_chem_comp.id
_chem_comp.type
_chem_comp.name
_chem_comp.formula
DA DNA linking 2'-DEOXYADENOSINE-5'-MONOPHOSPHATE 'C10 H14 N5 O6 P'
DC DNA linking 2'-DEOXYCYTIDINE-5'-MONOPHOSPHATE 'C9 H14 N3 O7 P'
DG DNA linking 2'-DEOXYGUANOSINE-5'-MONOPHOSPHATE 'C10 H14 N5 O7 P'
DT DNA linking THYMIDINE-5'-MONOPHOSPHATE 'C10 H15 N2 O8 P'
MN non-polymer 'MANGANESE (II) ION' 'Mn 2'
SO4 non-polymer 'SULFATE ION' 'O4 S -2'
#
# COMPACT_ATOMS: atom_id res chain seq x y z
N GLY A 2 6.99 5.24 13.92
CA GLY A 2 6.94 3.90 13.26
C GLY A 2 7.38 2.81 14.22
N GLY A 3 7.75 1.66 13.68
CA GLY A 3 8.25 0.54 14.48
C GLY A 3 9.73 0.73 14.77
N GLY A 4 10.14 0.40 16.00
CA GLY A 4 11.55 0.53 16.37
C GLY A 4 12.42 -0.54 15.74
N MET A 5 13.72 -0.29 15.66
CA MET A 5 14.67 -1.33 15.26
C MET A 5 14.91 -2.28 16.41
N LEU A 6 15.32 -3.49 16.10
CA LEU A 6 15.65 -4.43 17.15
C LEU A 6 16.77 -5.38 16.74
N THR A 7 17.38 -5.98 17.74
CA THR A 7 18.48 -6.91 17.53
C THR A 7 17.90 -8.23 17.07
N LEU A 8 18.75 -9.07 16.48
CA LEU A 8 18.35 -10.41 16.10
C LEU A 8 17.79 -11.20 17.30
N ILE A 9 18.46 -11.07 18.45
CA ILE A 9 18.04 -11.72 19.70
C ILE A 9 16.63 -11.32 20.11
N GLN A 10 16.35 -10.03 20.12
CA GLN A 10 15.01 -9.53 20.49
C GLN A 10 13.96 -10.05 19.49
N GLY A 11 14.32 -10.07 18.20
CA GLY A 11 13.42 -10.59 17.16
C GLY A 11 13.04 -12.04 17.42
N LYS A 12 14.03 -12.87 17.75
CA LYS A 12 13.81 -14.29 18.01
C LYS A 12 12.98 -14.54 19.27
N LYS A 13 13.16 -13.68 20.26
CA LYS A 13 12.39 -13.73 21.50
C LYS A 13 10.90 -13.43 21.22
N ILE A 14 10.67 -12.42 20.38
CA ILE A 14 9.30 -12.07 19.97
C ILE A 14 8.64 -13.21 19.17
N VAL A 15 9.38 -13.84 18.27
CA VAL A 15 8.83 -14.94 17.47
C VAL A 15 8.43 -16.11 18.38
N ASN A 16 9.34 -16.49 19.27
CA ASN A 16 9.08 -17.55 20.23
C ASN A 16 7.84 -17.29 21.09
N HIS A 17 7.65 -16.03 21.49
CA HIS A 17 6.49 -15.65 22.27
C HIS A 17 5.20 -15.78 21.45
N LEU A 18 5.24 -15.27 20.22
CA LEU A 18 4.06 -15.28 19.34
C LEU A 18 3.68 -16.67 18.86
N ARG A 19 4.65 -17.55 18.83
CA ARG A 19 4.51 -18.88 18.24
C ARG A 19 3.36 -19.71 18.81
N SER A 20 3.01 -19.48 20.08
CA SER A 20 1.98 -20.24 20.76
C SER A 20 0.74 -19.40 21.05
N ARG A 21 0.72 -18.17 20.54
CA ARG A 21 -0.32 -17.21 20.93
C ARG A 21 -1.13 -16.67 19.76
N LEU A 22 -0.93 -17.23 18.57
CA LEU A 22 -1.68 -16.78 17.39
C LEU A 22 -2.95 -17.59 17.19
N ALA A 23 -4.03 -16.90 16.81
CA ALA A 23 -5.29 -17.54 16.50
C ALA A 23 -6.08 -16.64 15.57
N PHE A 24 -7.21 -17.14 15.08
CA PHE A 24 -8.10 -16.29 14.34
C PHE A 24 -9.55 -16.70 14.59
N GLU A 25 -10.44 -15.72 14.49
CA GLU A 25 -11.86 -15.98 14.66
C GLU A 25 -12.44 -16.39 13.33
N TYR A 26 -13.16 -17.52 13.33
CA TYR A 26 -13.78 -18.07 12.14
C TYR A 26 -15.28 -18.20 12.40
N ASN A 27 -16.06 -17.22 11.95
CA ASN A 27 -17.50 -17.16 12.24
C ASN A 27 -17.80 -17.44 13.71
N GLY A 28 -17.21 -16.60 14.56
CA GLY A 28 -17.44 -16.67 16.00
C GLY A 28 -16.65 -17.70 16.79
N GLN A 29 -15.82 -18.50 16.11
CA GLN A 29 -15.07 -19.58 16.80
C GLN A 29 -13.56 -19.37 16.69
N LEU A 30 -12.91 -19.38 17.85
CA LEU A 30 -11.49 -19.09 17.92
C LEU A 30 -10.69 -20.33 17.52
N ILE A 31 -9.93 -20.21 16.44
CA ILE A 31 -9.14 -21.31 15.90
C ILE A 31 -7.68 -21.00 16.09
N LYS A 32 -7.00 -21.81 16.88
CA LYS A 32 -5.58 -21.62 17.13
C LYS A 32 -4.75 -21.98 15.92
N ILE A 33 -3.77 -21.13 15.64
CA ILE A 33 -2.76 -21.40 14.65
C ILE A 33 -1.66 -22.21 15.33
N LEU A 34 -1.19 -23.26 14.68
CA LEU A 34 -0.18 -24.14 15.25
C LEU A 34 1.22 -23.64 14.93
N SER A 35 2.14 -23.86 15.87
CA SER A 35 3.50 -23.40 15.74
C SER A 35 4.13 -23.91 14.45
N LYS A 36 3.89 -25.19 14.15
CA LYS A 36 4.43 -25.80 12.92
C LYS A 36 3.97 -25.10 11.63
N ASN A 37 2.90 -24.32 11.71
CA ASN A 37 2.40 -23.52 10.59
C ASN A 37 2.78 -22.04 10.64
N ILE A 38 3.77 -21.73 11.47
CA ILE A 38 4.32 -20.37 11.60
C ILE A 38 5.81 -20.41 11.27
N VAL A 39 6.21 -19.61 10.29
CA VAL A 39 7.58 -19.58 9.82
C VAL A 39 8.11 -18.14 9.89
N ALA A 40 9.19 -17.94 10.63
CA ALA A 40 9.86 -16.64 10.64
C ALA A 40 10.53 -16.46 9.30
N VAL A 41 10.31 -15.30 8.68
CA VAL A 41 10.88 -15.02 7.37
C VAL A 41 11.58 -13.65 7.40
N GLY A 42 11.93 -13.11 6.25
CA GLY A 42 12.55 -11.80 6.17
C GLY A 42 13.95 -11.80 6.75
N SER A 43 14.36 -10.65 7.24
CA SER A 43 15.74 -10.45 7.70
C SER A 43 16.13 -11.35 8.89
N LEU A 44 15.12 -11.71 9.71
CA LEU A 44 15.33 -12.61 10.82
C LEU A 44 15.78 -14.00 10.33
N ARG A 45 15.09 -14.55 9.34
CA ARG A 45 15.53 -15.83 8.77
C ARG A 45 16.94 -15.74 8.17
N ARG A 46 17.28 -14.57 7.62
CA ARG A 46 18.61 -14.32 7.06
C ARG A 46 19.68 -14.01 8.13
N GLU A 47 19.29 -14.01 9.40
CA GLU A 47 20.23 -13.89 10.51
C GLU A 47 20.91 -12.52 10.53
N GLU A 48 20.20 -11.49 10.10
CA GLU A 48 20.77 -10.15 10.11
C GLU A 48 20.83 -9.61 11.54
N LYS A 49 21.96 -9.00 11.90
CA LYS A 49 22.21 -8.56 13.27
C LYS A 49 21.16 -7.58 13.79
N MET A 50 20.66 -6.73 12.89
CA MET A 50 19.67 -5.70 13.24
C MET A 50 18.49 -5.85 12.32
N LEU A 51 17.29 -5.71 12.88
CA LEU A 51 16.06 -5.89 12.14
C LEU A 51 15.20 -4.63 12.24
N ASN A 52 14.54 -4.27 11.15
CA ASN A 52 13.62 -3.14 11.17
C ASN A 52 12.22 -3.56 11.63
N ASP A 53 11.92 -4.85 11.52
CA ASP A 53 10.64 -5.38 11.99
C ASP A 53 10.68 -6.90 12.12
N VAL A 54 9.54 -7.49 12.47
CA VAL A 54 9.39 -8.95 12.55
C VAL A 54 8.39 -9.39 11.47
N ASN A 55 8.71 -10.50 10.81
CA ASN A 55 7.93 -11.03 9.71
C ASN A 55 7.62 -12.50 9.91
N LEU A 56 6.32 -12.84 9.91
CA LEU A 56 5.90 -14.23 10.04
C LEU A 56 5.08 -14.67 8.83
N LEU A 57 5.39 -15.85 8.32
CA LEU A 57 4.56 -16.50 7.32
C LEU A 57 3.66 -17.55 7.98
N ILE A 58 2.36 -17.44 7.76
CA ILE A 58 1.38 -18.38 8.32
C ILE A 58 0.89 -19.31 7.21
N ILE A 59 1.03 -20.61 7.45
CA ILE A 59 0.57 -21.61 6.49
C ILE A 59 -0.88 -21.97 6.80
N VAL A 60 -1.75 -21.70 5.83
CA VAL A 60 -3.19 -21.88 5.94
C VAL A 60 -3.55 -23.12 5.13
N PRO A 61 -4.31 -24.07 5.71
CA PRO A 61 -4.50 -25.35 5.04
C PRO A 61 -5.50 -25.35 3.89
N GLU A 62 -6.44 -24.40 3.87
CA GLU A 62 -7.51 -24.36 2.86
C GLU A 62 -7.76 -22.96 2.35
N LYS A 63 -7.99 -22.84 1.05
CA LYS A 63 -8.27 -21.55 0.42
C LYS A 63 -9.44 -20.81 1.06
N LYS A 64 -10.45 -21.55 1.53
CA LYS A 64 -11.64 -20.98 2.13
C LYS A 64 -11.31 -20.19 3.41
N LEU A 65 -10.26 -20.59 4.12
CA LEU A 65 -9.90 -19.92 5.37
C LEU A 65 -9.19 -18.57 5.19
N LEU A 66 -8.68 -18.29 3.99
CA LEU A 66 -7.94 -17.03 3.75
C LEU A 66 -8.73 -15.78 4.10
N LYS A 67 -10.04 -15.77 3.79
CA LYS A 67 -10.83 -14.58 4.09
C LYS A 67 -11.00 -14.37 5.60
N HIS A 68 -10.65 -15.38 6.40
CA HIS A 68 -10.83 -15.33 7.84
C HIS A 68 -9.56 -15.15 8.67
N VAL A 69 -8.42 -15.69 8.23
CA VAL A 69 -7.23 -15.75 9.11
C VAL A 69 -6.65 -14.37 9.48
N LEU A 70 -6.06 -13.67 8.52
CA LEU A 70 -5.46 -12.37 8.81
C LEU A 70 -6.50 -11.28 9.17
N PRO A 71 -7.65 -11.25 8.48
CA PRO A 71 -8.62 -10.23 8.85
C PRO A 71 -9.21 -10.41 10.26
N ASN A 72 -9.05 -11.59 10.86
CA ASN A 72 -9.53 -11.85 12.22
C ASN A 72 -8.42 -12.38 13.13
N ILE A 73 -7.20 -11.90 12.91
CA ILE A 73 -6.05 -12.39 13.69
C ILE A 73 -6.20 -11.98 15.16
N ARG A 74 -5.79 -12.88 16.04
CA ARG A 74 -5.82 -12.67 17.47
C ARG A 74 -4.47 -13.08 18.03
N ILE A 75 -3.97 -12.30 18.98
CA ILE A 75 -2.72 -12.61 19.68
C ILE A 75 -2.98 -12.53 21.17
N LYS A 76 -2.85 -13.67 21.84
CA LYS A 76 -3.19 -13.77 23.25
C LYS A 76 -2.23 -12.98 24.12
N GLY A 77 -2.78 -12.07 24.91
CA GLY A 77 -2.02 -11.32 25.91
C GLY A 77 -1.29 -10.08 25.44
N LEU A 78 -1.11 -9.94 24.13
CA LEU A 78 -0.27 -8.89 23.57
C LEU A 78 -1.08 -7.69 23.07
N SER A 79 -0.64 -6.48 23.41
CA SER A 79 -1.25 -5.26 22.89
C SER A 79 -0.78 -5.03 21.46
N PHE A 80 -1.72 -4.89 20.53
CA PHE A 80 -1.38 -4.53 19.15
C PHE A 80 -2.48 -3.72 18.46
N SER A 81 -2.12 -3.07 17.35
CA SER A 81 -3.08 -2.36 16.51
C SER A 81 -2.84 -2.73 15.05
N VAL A 82 -3.91 -2.74 14.25
CA VAL A 82 -3.83 -3.15 12.85
C VAL A 82 -3.64 -1.91 11.97
N LYS A 83 -2.63 -1.92 11.10
CA LYS A 83 -2.35 -0.78 10.24
C LYS A 83 -3.00 -0.93 8.85
N VAL A 84 -2.51 -1.89 8.06
CA VAL A 84 -3.18 -2.28 6.82
C VAL A 84 -3.32 -3.78 6.87
N CYS A 85 -4.37 -4.31 6.27
CA CYS A 85 -4.67 -5.72 6.44
C CYS A 85 -5.59 -6.24 5.35
N GLY A 86 -5.19 -7.34 4.72
CA GLY A 86 -6.08 -8.11 3.86
C GLY A 86 -5.84 -9.58 4.11
N GLU A 87 -6.14 -10.40 3.11
CA GLU A 87 -6.08 -11.85 3.26
C GLU A 87 -4.68 -12.40 3.14
N ARG A 88 -3.80 -11.68 2.43
CA ARG A 88 -2.45 -12.16 2.16
C ARG A 88 -1.35 -11.41 2.92
N LYS A 89 -1.63 -10.19 3.33
CA LYS A 89 -0.67 -9.37 4.06
C LYS A 89 -1.39 -8.55 5.11
N CYS A 90 -0.84 -8.56 6.32
CA CYS A 90 -1.36 -7.83 7.44
C CYS A 90 -0.20 -7.20 8.21
N VAL A 91 -0.25 -5.89 8.38
CA VAL A 91 0.77 -5.17 9.15
C VAL A 91 0.20 -4.81 10.52
N LEU A 92 0.88 -5.24 11.58
CA LEU A 92 0.51 -4.91 12.95
C LEU A 92 1.59 -4.08 13.59
N PHE A 93 1.20 -3.23 14.54
CA PHE A 93 2.14 -2.59 15.43
C PHE A 93 1.89 -3.19 16.82
N ILE A 94 2.90 -3.88 17.35
CA ILE A 94 2.78 -4.56 18.64
C ILE A 94 3.54 -3.82 19.73
N GLU A 95 3.10 -4.02 20.97
CA GLU A 95 3.80 -3.52 22.15
C GLU A 95 4.62 -4.64 22.75
N TRP A 96 5.93 -4.43 22.86
CA TRP A 96 6.83 -5.39 23.47
C TRP A 96 7.77 -4.66 24.43
N GLU A 97 7.55 -4.84 25.73
CA GLU A 97 8.41 -4.27 26.77
C GLU A 97 8.66 -2.77 26.57
N LYS A 98 7.58 -2.01 26.59
CA LYS A 98 7.62 -0.53 26.52
C LYS A 98 7.97 0.04 25.14
N LYS A 99 8.12 -0.82 24.13
CA LYS A 99 8.50 -0.36 22.79
C LYS A 99 7.52 -0.90 21.75
N THR A 100 7.35 -0.14 20.67
CA THR A 100 6.45 -0.51 19.57
C THR A 100 7.26 -1.07 18.41
N TYR A 101 6.81 -2.21 17.89
CA TYR A 101 7.48 -2.84 16.76
C TYR A 101 6.49 -3.22 15.66
N GLN A 102 6.98 -3.20 14.42
CA GLN A 102 6.19 -3.62 13.28
C GLN A 102 6.24 -5.14 13.17
N LEU A 103 5.06 -5.74 13.00
CA LEU A 103 4.95 -7.16 12.81
C LEU A 103 4.18 -7.39 11.52
N ASP A 104 4.86 -7.91 10.51
CA ASP A 104 4.23 -8.22 9.23
C ASP A 104 3.80 -9.69 9.22
N LEU A 105 2.55 -9.94 8.89
CA LEU A 105 2.04 -11.30 8.76
C LEU A 105 1.68 -11.56 7.33
N PHE A 106 2.07 -12.73 6.85
CA PHE A 106 1.75 -13.16 5.50
C PHE A 106 1.16 -14.55 5.55
N THR A 107 0.31 -14.87 4.58
CA THR A 107 -0.29 -16.20 4.48
C THR A 107 0.10 -16.92 3.19
N ALA A 108 0.35 -18.22 3.33
CA ALA A 108 0.53 -19.11 2.19
C ALA A 108 -0.39 -20.30 2.38
N LEU A 109 -0.94 -20.81 1.29
CA LEU A 109 -1.61 -22.11 1.32
C LEU A 109 -0.56 -23.22 1.39
N ALA A 110 -0.98 -24.40 1.85
CA ALA A 110 -0.06 -25.52 2.04
C ALA A 110 0.70 -25.84 0.77
N GLU A 111 0.01 -25.84 -0.37
CA GLU A 111 0.65 -26.16 -1.64
C GLU A 111 1.60 -25.04 -2.14
N GLU A 112 1.44 -23.83 -1.62
CA GLU A 112 2.35 -22.72 -1.94
C GLU A 112 3.59 -22.66 -1.03
N LYS A 113 3.63 -23.48 0.02
CA LYS A 113 4.58 -23.27 1.11
C LYS A 113 6.04 -23.05 0.71
N PRO A 114 6.64 -23.99 -0.07
CA PRO A 114 8.07 -23.81 -0.38
C PRO A 114 8.34 -22.57 -1.26
N TYR A 115 7.35 -22.17 -2.06
CA TYR A 115 7.47 -20.98 -2.90
C TYR A 115 7.35 -19.73 -2.04
N ALA A 116 6.46 -19.78 -1.05
CA ALA A 116 6.29 -18.69 -0.10
C ALA A 116 7.54 -18.49 0.75
N ILE A 117 8.09 -19.58 1.29
CA ILE A 117 9.28 -19.49 2.11
C ILE A 117 10.44 -18.92 1.29
N PHE A 118 10.59 -19.41 0.06
CA PHE A 118 11.65 -18.96 -0.83
C PHE A 118 11.52 -17.47 -1.10
N HIS A 119 10.30 -17.03 -1.41
CA HIS A 119 10.02 -15.63 -1.64
C HIS A 119 10.28 -14.78 -0.39
N PHE A 120 9.64 -15.13 0.73
CA PHE A 120 9.68 -14.25 1.91
C PHE A 120 11.02 -14.27 2.64
N THR A 121 11.87 -15.23 2.31
CA THR A 121 13.22 -15.26 2.88
C THR A 121 14.07 -14.13 2.30
N GLY A 122 13.89 -13.86 1.01
CA GLY A 122 14.68 -12.84 0.32
C GLY A 122 16.14 -13.25 0.18
N PRO A 123 17.06 -12.27 0.15
CA PRO A 123 16.79 -10.83 0.12
C PRO A 123 16.25 -10.39 -1.22
N VAL A 124 15.83 -9.14 -1.32
CA VAL A 124 15.19 -8.65 -2.54
C VAL A 124 16.11 -8.77 -3.77
N SER A 125 17.39 -8.43 -3.60
CA SER A 125 18.33 -8.45 -4.72
C SER A 125 18.47 -9.86 -5.31
N TYR A 126 18.49 -10.85 -4.42
CA TYR A 126 18.57 -12.24 -4.81
C TYR A 126 17.35 -12.68 -5.61
N LEU A 127 16.16 -12.32 -5.13
CA LEU A 127 14.91 -12.65 -5.84
C LEU A 127 14.86 -12.05 -7.25
N ILE A 128 15.22 -10.78 -7.36
CA ILE A 128 15.21 -10.10 -8.65
C ILE A 128 16.15 -10.81 -9.63
N ARG A 129 17.36 -11.13 -9.18
CA ARG A 129 18.36 -11.79 -10.01
C ARG A 129 17.82 -13.13 -10.52
N ILE A 130 17.40 -13.98 -9.60
CA ILE A 130 16.96 -15.31 -9.99
C ILE A 130 15.68 -15.27 -10.83
N ARG A 131 14.79 -14.34 -10.54
CA ARG A 131 13.57 -14.17 -11.35
C ARG A 131 13.86 -13.62 -12.73
N ALA A 132 14.88 -12.76 -12.84
CA ALA A 132 15.35 -12.27 -14.15
C ALA A 132 15.87 -13.42 -15.03
N ALA A 133 16.65 -14.32 -14.44
CA ALA A 133 17.19 -15.46 -15.19
C ALA A 133 16.09 -16.42 -15.67
N LEU A 134 15.11 -16.68 -14.80
CA LEU A 134 13.98 -17.54 -15.15
C LEU A 134 13.09 -16.90 -16.21
N LYS A 135 12.91 -15.58 -16.11
CA LYS A 135 12.10 -14.85 -17.07
C LYS A 135 12.63 -14.98 -18.50
N LYS A 136 13.96 -15.01 -18.65
CA LYS A 136 14.58 -15.18 -19.96
C LYS A 136 14.26 -16.54 -20.59
N LYS A 137 13.89 -17.53 -19.77
CA LYS A 137 13.48 -18.84 -20.29
C LYS A 137 11.96 -19.00 -20.32
N ASN A 138 11.24 -17.87 -20.26
CA ASN A 138 9.78 -17.85 -20.35
C ASN A 138 9.09 -18.52 -19.16
N TYR A 139 9.73 -18.41 -17.99
CA TYR A 139 9.11 -18.77 -16.73
C TYR A 139 8.74 -17.51 -15.95
N LYS A 140 7.87 -17.67 -14.97
CA LYS A 140 7.58 -16.63 -14.00
C LYS A 140 7.52 -17.29 -12.63
N LEU A 141 8.38 -16.84 -11.72
CA LEU A 141 8.40 -17.33 -10.35
C LEU A 141 7.83 -16.30 -9.40
N ASN A 142 7.00 -16.76 -8.47
CA ASN A 142 6.46 -15.92 -7.41
C ASN A 142 6.25 -16.72 -6.13
N GLN A 143 5.63 -16.10 -5.13
CA GLN A 143 5.39 -16.74 -3.84
C GLN A 143 4.33 -17.85 -3.86
N TYR A 144 3.71 -18.06 -5.02
CA TYR A 144 2.64 -19.03 -5.17
C TYR A 144 3.02 -20.25 -5.99
N GLY A 145 4.03 -20.14 -6.83
CA GLY A 145 4.39 -21.23 -7.71
C GLY A 145 5.35 -20.83 -8.79
N LEU A 146 5.71 -21.81 -9.60
CA LEU A 146 6.44 -21.58 -10.85
C LEU A 146 5.47 -21.70 -12.00
N PHE A 147 5.51 -20.72 -12.89
CA PHE A 147 4.59 -20.67 -14.02
C PHE A 147 5.34 -20.61 -15.34
N LYS A 148 4.75 -21.23 -16.36
CA LYS A 148 5.18 -21.07 -17.73
C LYS A 148 3.92 -20.87 -18.57
N ASN A 149 3.91 -19.82 -19.38
CA ASN A 149 2.76 -19.46 -20.17
C ASN A 149 1.50 -19.35 -19.30
N GLN A 150 1.67 -18.74 -18.13
CA GLN A 150 0.57 -18.50 -17.18
C GLN A 150 -0.04 -19.82 -16.65
N THR A 151 0.73 -20.91 -16.71
CA THR A 151 0.29 -22.23 -16.24
C THR A 151 1.26 -22.71 -15.18
N LEU A 152 0.72 -23.23 -14.08
CA LEU A 152 1.53 -23.77 -13.00
C LEU A 152 2.36 -24.96 -13.46
N VAL A 153 3.65 -24.91 -13.20
CA VAL A 153 4.55 -26.02 -13.51
C VAL A 153 4.43 -26.97 -12.32
N PRO A 154 3.93 -28.20 -12.53
CA PRO A 154 3.66 -29.06 -11.39
C PRO A 154 4.93 -29.75 -10.88
N LEU A 155 5.72 -29.04 -10.08
CA LEU A 155 6.96 -29.59 -9.53
C LEU A 155 6.65 -30.51 -8.36
N LYS A 156 7.37 -31.63 -8.28
CA LYS A 156 7.14 -32.61 -7.22
C LYS A 156 8.10 -32.34 -6.08
N ILE A 157 7.79 -31.30 -5.33
CA ILE A 157 8.66 -30.82 -4.25
C ILE A 157 7.81 -30.47 -3.03
N THR A 158 8.45 -30.47 -1.87
CA THR A 158 7.78 -30.08 -0.63
C THR A 158 8.55 -28.96 0.11
N THR A 159 9.87 -28.96 0.00
CA THR A 159 10.71 -28.02 0.75
C THR A 159 11.32 -26.94 -0.13
N GLU A 160 11.85 -25.93 0.54
CA GLU A 160 12.50 -24.82 -0.12
C GLU A 160 13.76 -25.26 -0.85
N LYS A 161 14.52 -26.16 -0.20
CA LYS A 161 15.78 -26.66 -0.76
C LYS A 161 15.52 -27.45 -2.05
N GLU A 162 14.47 -28.28 -2.05
CA GLU A 162 14.08 -29.03 -3.23
C GLU A 162 13.68 -28.11 -4.39
N LEU A 163 12.98 -27.03 -4.05
CA LEU A 163 12.55 -26.06 -5.07
C LEU A 163 13.77 -25.40 -5.74
N ILE A 164 14.69 -24.91 -4.91
CA ILE A 164 15.90 -24.24 -5.41
C ILE A 164 16.68 -25.18 -6.33
N LYS A 165 16.88 -26.42 -5.89
CA LYS A 165 17.52 -27.45 -6.70
C LYS A 165 16.80 -27.67 -8.03
N GLU A 166 15.47 -27.74 -7.97
CA GLU A 166 14.65 -28.01 -9.16
C GLU A 166 14.70 -26.83 -10.14
N LEU A 167 14.77 -25.61 -9.61
CA LEU A 167 14.95 -24.42 -10.44
C LEU A 167 16.33 -24.34 -11.07
N GLY A 168 17.29 -25.14 -10.59
CA GLY A 168 18.63 -25.19 -11.16
C GLY A 168 19.60 -24.20 -10.54
N PHE A 169 19.22 -23.62 -9.40
CA PHE A 169 20.09 -22.69 -8.71
C PHE A 169 20.87 -23.35 -7.59
N THR A 170 21.96 -22.71 -7.18
CA THR A 170 22.79 -23.22 -6.10
C THR A 170 22.06 -22.98 -4.80
N TYR A 171 21.91 -24.02 -3.98
CA TYR A 171 21.35 -23.86 -2.66
C TYR A 171 22.37 -23.19 -1.73
N ARG A 172 21.94 -22.10 -1.11
CA ARG A 172 22.70 -21.47 -0.05
C ARG A 172 21.77 -21.28 1.14
N ILE A 173 22.33 -21.32 2.34
CA ILE A 173 21.53 -21.06 3.54
C ILE A 173 21.06 -19.60 3.50
N PRO A 174 19.91 -19.29 4.13
CA PRO A 174 19.34 -17.93 4.11
C PRO A 174 20.36 -16.83 4.40
N LYS A 175 21.23 -17.07 5.38
CA LYS A 175 22.33 -16.18 5.76
C LYS A 175 23.21 -15.75 4.59
N LYS A 176 23.37 -16.64 3.61
CA LYS A 176 24.37 -16.48 2.53
C LYS A 176 23.76 -16.21 1.14
N ARG A 177 22.47 -15.90 1.10
CA ARG A 177 21.82 -15.55 -0.17
C ARG A 177 21.92 -14.08 -0.49
N LEU A 178 22.27 -13.77 -1.73
CA LEU A 178 22.10 -12.44 -2.30
C LEU A 178 22.32 -12.49 -3.82
N GLY B 2 -8.35 4.04 11.92
CA GLY B 2 -9.78 3.97 11.49
C GLY B 2 -10.45 5.33 11.48
N GLY B 3 -10.56 5.93 10.29
CA GLY B 3 -11.17 7.25 10.18
C GLY B 3 -12.68 7.14 10.17
N GLY B 4 -13.34 8.05 10.89
CA GLY B 4 -14.81 8.04 10.96
C GLY B 4 -15.47 8.59 9.72
N MET B 5 -16.78 8.35 9.58
CA MET B 5 -17.55 8.93 8.48
C MET B 5 -17.90 10.39 8.78
N LEU B 6 -18.07 11.20 7.74
CA LEU B 6 -18.39 12.63 7.88
C LEU B 6 -19.50 13.04 6.94
N THR B 7 -20.25 14.07 7.31
CA THR B 7 -21.21 14.69 6.41
C THR B 7 -20.45 15.56 5.41
N LEU B 8 -21.10 15.86 4.29
CA LEU B 8 -20.54 16.78 3.30
C LEU B 8 -20.18 18.11 3.92
N ILE B 9 -21.07 18.61 4.78
CA ILE B 9 -20.88 19.89 5.48
C ILE B 9 -19.60 19.87 6.31
N GLN B 10 -19.41 18.82 7.10
CA GLN B 10 -18.21 18.71 7.91
C GLN B 10 -16.96 18.61 7.06
N GLY B 11 -17.05 17.87 5.96
CA GLY B 11 -15.94 17.77 5.02
C GLY B 11 -15.51 19.12 4.49
N LYS B 12 -16.48 19.94 4.09
CA LYS B 12 -16.21 21.27 3.54
C LYS B 12 -15.63 22.22 4.59
N LYS B 13 -16.09 22.07 5.82
CA LYS B 13 -15.59 22.86 6.93
C LYS B 13 -14.12 22.51 7.20
N ILE B 14 -13.79 21.23 7.12
CA ILE B 14 -12.41 20.78 7.29
C ILE B 14 -11.52 21.33 6.17
N VAL B 15 -12.00 21.31 4.93
CA VAL B 15 -11.22 21.80 3.80
C VAL B 15 -10.93 23.29 3.97
N ASN B 16 -11.96 24.06 4.28
CA ASN B 16 -11.84 25.49 4.53
C ASN B 16 -10.85 25.80 5.65
N HIS B 17 -10.86 25.00 6.71
CA HIS B 17 -9.91 25.15 7.81
C HIS B 17 -8.47 24.88 7.35
N LEU B 18 -8.29 23.79 6.63
CA LEU B 18 -6.97 23.38 6.15
C LEU B 18 -6.39 24.30 5.08
N ARG B 19 -7.27 24.98 4.36
CA ARG B 19 -6.90 25.75 3.18
C ARG B 19 -5.87 26.84 3.42
N SER B 20 -5.82 27.36 4.64
CA SER B 20 -4.90 28.43 5.02
C SER B 20 -3.83 27.95 6.02
N ARG B 21 -3.78 26.65 6.29
CA ARG B 21 -2.91 26.13 7.33
C ARG B 21 -1.91 25.06 6.86
N LEU B 22 -1.84 24.82 5.56
CA LEU B 22 -0.92 23.83 5.02
C LEU B 22 0.42 24.47 4.68
N ALA B 23 1.48 23.75 5.00
CA ALA B 23 2.84 24.18 4.68
C ALA B 23 3.74 22.97 4.62
N PHE B 24 4.98 23.17 4.21
CA PHE B 24 5.97 22.09 4.27
C PHE B 24 7.34 22.66 4.59
N GLU B 25 8.15 21.85 5.26
CA GLU B 25 9.51 22.24 5.59
C GLU B 25 10.41 21.89 4.41
N TYR B 26 11.18 22.86 3.96
CA TYR B 26 12.08 22.71 2.84
C TYR B 26 13.46 23.10 3.35
N ASN B 27 14.26 22.10 3.69
CA ASN B 27 15.59 22.33 4.24
C ASN B 27 15.59 23.37 5.37
N GLY B 28 14.79 23.10 6.39
CA GLY B 28 14.70 23.97 7.57
C GLY B 28 13.85 25.23 7.41
N GLN B 29 13.22 25.42 6.25
CA GLN B 29 12.45 26.61 5.94
C GLN B 29 10.97 26.26 5.72
N LEU B 30 10.09 26.89 6.49
CA LEU B 30 8.67 26.61 6.38
C LEU B 30 8.07 27.36 5.19
N ILE B 31 7.57 26.61 4.21
CA ILE B 31 6.99 27.18 3.00
C ILE B 31 5.49 26.93 2.99
N LYS B 32 4.72 28.01 3.00
CA LYS B 32 3.27 27.92 2.99
C LYS B 32 2.76 27.50 1.62
N ILE B 33 1.82 26.55 1.66
CA ILE B 33 1.08 26.15 0.48
C ILE B 33 -0.09 27.13 0.32
N LEU B 34 -0.31 27.60 -0.90
CA LEU B 34 -1.33 28.59 -1.17
C LEU B 34 -2.67 27.93 -1.47
N SER B 35 -3.74 28.59 -1.03
CA SER B 35 -5.09 28.07 -1.19
C SER B 35 -5.39 27.73 -2.64
N LYS B 36 -5.00 28.61 -3.56
CA LYS B 36 -5.21 28.40 -5.00
C LYS B 36 -4.55 27.12 -5.54
N ASN B 37 -3.57 26.59 -4.81
CA ASN B 37 -2.92 25.33 -5.16
C ASN B 37 -3.41 24.12 -4.35
N ILE B 38 -4.58 24.27 -3.71
CA ILE B 38 -5.24 23.20 -2.98
C ILE B 38 -6.63 22.95 -3.59
N VAL B 39 -6.87 21.72 -4.03
CA VAL B 39 -8.11 21.36 -4.69
C VAL B 39 -8.73 20.19 -3.94
N ALA B 40 -9.95 20.38 -3.45
CA ALA B 40 -10.70 19.28 -2.85
C ALA B 40 -11.09 18.33 -3.97
N VAL B 41 -10.84 17.04 -3.78
CA VAL B 41 -11.16 16.03 -4.78
C VAL B 41 -11.95 14.90 -4.11
N GLY B 42 -12.10 13.78 -4.80
CA GLY B 42 -12.79 12.62 -4.23
C GLY B 42 -14.27 12.87 -4.06
N SER B 43 -14.87 12.18 -3.08
CA SER B 43 -16.32 12.22 -2.90
C SER B 43 -16.86 13.62 -2.56
N LEU B 44 -16.03 14.42 -1.90
CA LEU B 44 -16.37 15.78 -1.56
C LEU B 44 -16.61 16.62 -2.83
N ARG B 45 -15.71 16.53 -3.79
CA ARG B 45 -15.90 17.25 -5.07
C ARG B 45 -17.17 16.74 -5.79
N ARG B 46 -17.48 15.45 -5.61
CA ARG B 46 -18.69 14.85 -6.18
C ARG B 46 -19.96 15.16 -5.39
N GLU B 47 -19.84 15.92 -4.30
CA GLU B 47 -21.00 16.41 -3.53
C GLU B 47 -21.77 15.27 -2.86
N GLU B 48 -21.09 14.22 -2.47
CA GLU B 48 -21.76 13.09 -1.83
C GLU B 48 -22.16 13.46 -0.40
N LYS B 49 -23.38 13.10 0.00
CA LYS B 49 -23.91 13.48 1.31
C LYS B 49 -23.05 13.02 2.49
N MET B 50 -22.47 11.83 2.35
CA MET B 50 -21.65 11.23 3.40
C MET B 50 -20.30 10.89 2.82
N LEU B 51 -19.24 11.13 3.59
CA LEU B 51 -17.87 10.91 3.14
C LEU B 51 -17.15 9.97 4.09
N ASN B 52 -16.33 9.08 3.54
CA ASN B 52 -15.50 8.19 4.35
C ASN B 52 -14.18 8.85 4.76
N ASP B 53 -13.77 9.87 4.01
CA ASP B 53 -12.57 10.66 4.36
C ASP B 53 -12.54 11.99 3.61
N VAL B 54 -11.45 12.74 3.80
CA VAL B 54 -11.23 14.00 3.07
C VAL B 54 -10.00 13.83 2.17
N ASN B 55 -10.10 14.35 0.94
CA ASN B 55 -9.05 14.22 -0.06
C ASN B 55 -8.68 15.56 -0.65
N LEU B 56 -7.39 15.92 -0.58
CA LEU B 56 -6.91 17.17 -1.16
C LEU B 56 -5.81 16.90 -2.19
N LEU B 57 -5.91 17.58 -3.32
CA LEU B 57 -4.85 17.58 -4.31
C LEU B 57 -4.05 18.89 -4.19
N ILE B 58 -2.74 18.75 -4.01
CA ILE B 58 -1.84 19.89 -3.88
C ILE B 58 -1.05 20.07 -5.19
N ILE B 59 -1.15 21.25 -5.77
CA ILE B 59 -0.43 21.57 -7.00
C ILE B 59 0.94 22.13 -6.63
N VAL B 60 1.98 21.42 -7.06
CA VAL B 60 3.37 21.75 -6.73
C VAL B 60 3.98 22.36 -8.00
N PRO B 61 4.62 23.55 -7.86
CA PRO B 61 5.07 24.28 -9.06
C PRO B 61 6.32 23.72 -9.75
N GLU B 62 7.15 22.97 -9.03
CA GLU B 62 8.42 22.44 -9.57
C GLU B 62 8.65 21.00 -9.17
N LYS B 63 9.14 20.18 -10.10
CA LYS B 63 9.46 18.78 -9.83
C LYS B 63 10.42 18.60 -8.64
N LYS B 64 11.34 19.53 -8.46
CA LYS B 64 12.33 19.45 -7.38
C LYS B 64 11.69 19.48 -5.99
N LEU B 65 10.54 20.15 -5.87
CA LEU B 65 9.88 20.27 -4.58
C LEU B 65 9.11 19.02 -4.15
N LEU B 66 8.85 18.08 -5.07
CA LEU B 66 8.11 16.85 -4.74
C LEU B 66 8.73 16.05 -3.60
N LYS B 67 10.06 15.95 -3.53
CA LYS B 67 10.69 15.18 -2.46
C LYS B 67 10.51 15.86 -1.09
N HIS B 68 10.09 17.12 -1.09
CA HIS B 68 9.95 17.88 0.15
C HIS B 68 8.51 18.09 0.63
N VAL B 69 7.54 18.22 -0.27
CA VAL B 69 6.20 18.71 0.13
C VAL B 69 5.46 17.73 1.07
N LEU B 70 5.03 16.59 0.55
CA LEU B 70 4.28 15.64 1.38
C LEU B 70 5.13 15.01 2.50
N PRO B 71 6.41 14.67 2.21
CA PRO B 71 7.21 14.09 3.30
C PRO B 71 7.50 15.05 4.44
N ASN B 72 7.29 16.35 4.25
CA ASN B 72 7.49 17.33 5.30
C ASN B 72 6.26 18.22 5.48
N ILE B 73 5.07 17.64 5.30
CA ILE B 73 3.84 18.40 5.43
C ILE B 73 3.67 18.90 6.87
N ARG B 74 3.15 20.11 6.99
CA ARG B 74 2.84 20.72 8.27
C ARG B 74 1.41 21.30 8.19
N ILE B 75 0.65 21.15 9.28
CA ILE B 75 -0.68 21.74 9.40
C ILE B 75 -0.75 22.51 10.70
N LYS B 76 -0.91 23.82 10.60
CA LYS B 76 -0.87 24.70 11.76
C LYS B 76 -2.08 24.46 12.67
N GLY B 77 -1.82 24.18 13.94
CA GLY B 77 -2.84 24.10 14.97
C GLY B 77 -3.58 22.77 15.08
N LEU B 78 -3.45 21.91 14.08
CA LEU B 78 -4.25 20.69 14.03
C LEU B 78 -3.46 19.46 14.46
N SER B 79 -4.07 18.64 15.31
CA SER B 79 -3.46 17.38 15.71
C SER B 79 -3.60 16.38 14.59
N PHE B 80 -2.48 15.83 14.13
CA PHE B 80 -2.53 14.74 13.15
C PHE B 80 -1.35 13.78 13.31
N SER B 81 -1.50 12.61 12.68
CA SER B 81 -0.41 11.63 12.63
C SER B 81 -0.28 11.12 11.19
N VAL B 82 0.93 10.78 10.79
CA VAL B 82 1.20 10.32 9.43
C VAL B 82 1.21 8.80 9.40
N LYS B 83 0.41 8.19 8.53
CA LYS B 83 0.38 6.73 8.46
C LYS B 83 1.27 6.16 7.35
N VAL B 84 0.96 6.45 6.10
CA VAL B 84 1.84 6.10 4.98
C VAL B 84 2.04 7.38 4.18
N CYS B 85 3.23 7.56 3.65
CA CYS B 85 3.57 8.83 3.06
C CYS B 85 4.73 8.72 2.10
N GLY B 86 4.56 9.25 0.89
CA GLY B 86 5.65 9.42 -0.06
C GLY B 86 5.47 10.76 -0.74
N GLU B 87 6.05 10.89 -1.92
CA GLU B 87 6.06 12.17 -2.63
C GLU B 87 4.74 12.46 -3.33
N ARG B 88 3.99 11.41 -3.68
CA ARG B 88 2.76 11.55 -4.46
C ARG B 88 1.48 11.28 -3.69
N LYS B 89 1.59 10.51 -2.61
CA LYS B 89 0.43 10.20 -1.77
C LYS B 89 0.84 10.15 -0.31
N CYS B 90 0.05 10.82 0.52
CA CYS B 90 0.27 10.87 1.95
C CYS B 90 -1.06 10.74 2.67
N VAL B 91 -1.16 9.74 3.55
CA VAL B 91 -2.36 9.52 4.33
C VAL B 91 -2.14 10.02 5.75
N LEU B 92 -3.01 10.92 6.21
CA LEU B 92 -2.96 11.44 7.57
C LEU B 92 -4.22 11.02 8.31
N PHE B 93 -4.09 10.90 9.62
CA PHE B 93 -5.26 10.80 10.50
C PHE B 93 -5.29 12.08 11.32
N ILE B 94 -6.35 12.87 11.14
CA ILE B 94 -6.47 14.15 11.83
C ILE B 94 -7.49 14.09 12.95
N GLU B 95 -7.33 14.98 13.93
CA GLU B 95 -8.29 15.16 14.99
C GLU B 95 -9.13 16.36 14.64
N TRP B 96 -10.45 16.16 14.57
CA TRP B 96 -11.39 17.24 14.34
C TRP B 96 -12.56 17.12 15.32
N GLU B 97 -12.59 18.01 16.31
CA GLU B 97 -13.66 18.08 17.30
C GLU B 97 -13.94 16.73 17.96
N LYS B 98 -12.93 16.17 18.60
CA LYS B 98 -13.01 14.93 19.38
C LYS B 98 -13.16 13.65 18.53
N LYS B 99 -13.05 13.76 17.20
CA LYS B 99 -13.16 12.60 16.33
C LYS B 99 -11.98 12.52 15.37
N THR B 100 -11.62 11.29 14.98
CA THR B 100 -10.49 11.06 14.06
C THR B 100 -10.99 10.81 12.65
N TYR B 101 -10.37 11.49 11.68
CA TYR B 101 -10.73 11.34 10.28
C TYR B 101 -9.51 11.11 9.41
N GLN B 102 -9.71 10.38 8.33
CA GLN B 102 -8.66 10.18 7.34
C GLN B 102 -8.58 11.38 6.39
N LEU B 103 -7.36 11.86 6.17
CA LEU B 103 -7.09 12.94 5.24
C LEU B 103 -6.05 12.45 4.26
N ASP B 104 -6.45 12.27 3.00
CA ASP B 104 -5.53 11.87 1.96
C ASP B 104 -5.02 13.11 1.22
N LEU B 105 -3.70 13.20 1.08
CA LEU B 105 -3.08 14.29 0.32
C LEU B 105 -2.40 13.70 -0.90
N PHE B 106 -2.60 14.37 -2.03
CA PHE B 106 -1.96 13.98 -3.27
C PHE B 106 -1.29 15.20 -3.88
N THR B 107 -0.25 14.97 -4.67
CA THR B 107 0.45 16.06 -5.37
C THR B 107 0.41 15.88 -6.89
N ALA B 108 0.21 17.02 -7.57
CA ALA B 108 0.34 17.08 -9.01
C ALA B 108 1.27 18.24 -9.35
N LEU B 109 2.06 18.08 -10.41
CA LEU B 109 2.80 19.21 -10.97
C LEU B 109 1.82 20.05 -11.80
N ALA B 110 2.19 21.30 -12.02
CA ALA B 110 1.33 22.25 -12.71
C ALA B 110 0.88 21.71 -14.06
N GLU B 111 1.78 21.10 -14.82
CA GLU B 111 1.45 20.58 -16.16
C GLU B 111 0.56 19.32 -16.12
N GLU B 112 0.52 18.65 -14.96
CA GLU B 112 -0.36 17.50 -14.78
C GLU B 112 -1.77 17.87 -14.28
N LYS B 113 -1.98 19.15 -13.93
CA LYS B 113 -3.15 19.55 -13.13
C LYS B 113 -4.51 19.05 -13.64
N PRO B 114 -4.85 19.31 -14.92
CA PRO B 114 -6.17 18.85 -15.39
C PRO B 114 -6.34 17.33 -15.42
N TYR B 115 -5.23 16.60 -15.64
CA TYR B 115 -5.26 15.14 -15.62
C TYR B 115 -5.42 14.64 -14.18
N ALA B 116 -4.74 15.31 -13.25
CA ALA B 116 -4.85 15.00 -11.83
C ALA B 116 -6.26 15.24 -11.29
N ILE B 117 -6.82 16.40 -11.62
CA ILE B 117 -8.17 16.73 -11.16
C ILE B 117 -9.19 15.72 -11.73
N PHE B 118 -9.05 15.40 -13.02
CA PHE B 118 -9.91 14.44 -13.66
C PHE B 118 -9.83 13.07 -12.98
N HIS B 119 -8.61 12.62 -12.71
CA HIS B 119 -8.37 11.36 -12.02
C HIS B 119 -8.93 11.37 -10.60
N PHE B 120 -8.52 12.35 -9.79
CA PHE B 120 -8.88 12.34 -8.38
C PHE B 120 -10.35 12.68 -8.09
N THR B 121 -11.05 13.24 -9.07
CA THR B 121 -12.49 13.50 -8.93
C THR B 121 -13.27 12.19 -8.90
N GLY B 122 -12.85 11.23 -9.71
CA GLY B 122 -13.56 9.96 -9.82
C GLY B 122 -14.94 10.13 -10.46
N PRO B 123 -15.91 9.25 -10.10
CA PRO B 123 -15.75 8.10 -9.24
C PRO B 123 -14.96 6.99 -9.92
N VAL B 124 -14.60 5.96 -9.16
CA VAL B 124 -13.75 4.88 -9.69
C VAL B 124 -14.40 4.20 -10.90
N SER B 125 -15.70 3.95 -10.84
CA SER B 125 -16.41 3.25 -11.91
C SER B 125 -16.36 4.03 -13.23
N TYR B 126 -16.48 5.35 -13.12
CA TYR B 126 -16.37 6.25 -14.27
C TYR B 126 -14.98 6.21 -14.91
N LEU B 127 -13.93 6.27 -14.08
CA LEU B 127 -12.56 6.21 -14.56
C LEU B 127 -12.27 4.91 -15.31
N ILE B 128 -12.70 3.79 -14.74
CA ILE B 128 -12.48 2.49 -15.34
C ILE B 128 -13.15 2.43 -16.71
N ARG B 129 -14.39 2.88 -16.78
CA ARG B 129 -15.15 2.87 -18.03
C ARG B 129 -14.41 3.67 -19.09
N ILE B 130 -14.12 4.93 -18.79
CA ILE B 130 -13.49 5.83 -19.74
C ILE B 130 -12.10 5.37 -20.15
N ARG B 131 -11.35 4.84 -19.20
CA ARG B 131 -10.02 4.30 -19.49
C ARG B 131 -10.10 3.02 -20.33
N ALA B 132 -11.13 2.22 -20.12
CA ALA B 132 -11.36 1.03 -20.96
C ALA B 132 -11.63 1.40 -22.41
N ALA B 133 -12.43 2.43 -22.64
CA ALA B 133 -12.75 2.87 -24.00
C ALA B 133 -11.53 3.44 -24.72
N LEU B 134 -10.72 4.22 -24.00
CA LEU B 134 -9.49 4.76 -24.56
C LEU B 134 -8.46 3.66 -24.83
N LYS B 135 -8.41 2.66 -23.95
CA LYS B 135 -7.48 1.54 -24.10
C LYS B 135 -7.73 0.76 -25.40
N LYS B 136 -8.99 0.65 -25.80
CA LYS B 136 -9.33 -0.02 -27.06
C LYS B 136 -8.79 0.72 -28.29
N LYS B 137 -8.50 2.01 -28.15
CA LYS B 137 -7.87 2.77 -29.23
C LYS B 137 -6.36 2.95 -29.02
N ASN B 138 -5.78 2.11 -28.18
CA ASN B 138 -4.34 2.12 -27.90
C ASN B 138 -3.87 3.37 -27.17
N TYR B 139 -4.75 3.97 -26.38
CA TYR B 139 -4.37 5.06 -25.49
C TYR B 139 -4.26 4.54 -24.06
N LYS B 140 -3.57 5.30 -23.22
CA LYS B 140 -3.53 5.05 -21.79
C LYS B 140 -3.67 6.40 -21.11
N LEU B 141 -4.71 6.53 -20.30
CA LEU B 141 -4.96 7.74 -19.53
C LEU B 141 -4.62 7.51 -18.05
N ASN B 142 -3.93 8.48 -17.45
CA ASN B 142 -3.69 8.47 -16.01
C ASN B 142 -3.69 9.89 -15.44
N GLN B 143 -3.32 10.02 -14.18
CA GLN B 143 -3.31 11.31 -13.49
C GLN B 143 -2.20 12.27 -13.96
N TYR B 144 -1.34 11.80 -14.87
CA TYR B 144 -0.20 12.59 -15.33
C TYR B 144 -0.32 13.07 -16.76
N GLY B 145 -1.11 12.38 -17.57
CA GLY B 145 -1.20 12.70 -18.99
C GLY B 145 -1.96 11.64 -19.78
N LEU B 146 -2.09 11.92 -21.07
CA LEU B 146 -2.60 10.95 -22.04
C LEU B 146 -1.44 10.40 -22.83
N PHE B 147 -1.38 9.08 -22.94
CA PHE B 147 -0.28 8.40 -23.61
C PHE B 147 -0.78 7.50 -24.74
N LYS B 148 0.04 7.39 -25.78
CA LYS B 148 -0.17 6.38 -26.80
C LYS B 148 1.15 5.69 -27.03
N ASN B 149 1.14 4.37 -26.90
CA ASN B 149 2.33 3.55 -27.04
C ASN B 149 3.45 4.05 -26.12
N GLN B 150 3.06 4.37 -24.88
CA GLN B 150 3.98 4.84 -23.86
C GLN B 150 4.62 6.21 -24.20
N THR B 151 3.97 6.99 -25.08
CA THR B 151 4.45 8.33 -25.45
C THR B 151 3.37 9.37 -25.14
N LEU B 152 3.76 10.46 -24.50
CA LEU B 152 2.82 11.52 -24.13
C LEU B 152 2.17 12.15 -25.37
N VAL B 153 0.86 12.26 -25.35
CA VAL B 153 0.12 13.00 -26.38
C VAL B 153 0.06 14.47 -25.94
N PRO B 154 0.70 15.37 -26.70
CA PRO B 154 0.77 16.76 -26.26
C PRO B 154 -0.53 17.54 -26.53
N LEU B 155 -1.51 17.41 -25.63
CA LEU B 155 -2.79 18.12 -25.79
C LEU B 155 -2.67 19.58 -25.36
N LYS B 156 -3.31 20.48 -26.11
CA LYS B 156 -3.25 21.91 -25.83
C LYS B 156 -4.45 22.30 -24.97
N ILE B 157 -4.36 21.94 -23.69
CA ILE B 157 -5.45 22.15 -22.73
C ILE B 157 -4.90 22.65 -21.39
N THR B 158 -5.77 23.29 -20.61
CA THR B 158 -5.40 23.75 -19.26
C THR B 158 -6.37 23.25 -18.19
N THR B 159 -7.65 23.10 -18.54
CA THR B 159 -8.68 22.74 -17.57
C THR B 159 -9.18 21.31 -17.74
N GLU B 160 -9.89 20.85 -16.72
CA GLU B 160 -10.47 19.52 -16.72
C GLU B 160 -11.54 19.38 -17.81
N LYS B 161 -12.34 20.42 -17.99
CA LYS B 161 -13.42 20.42 -18.99
C LYS B 161 -12.86 20.32 -20.41
N GLU B 162 -11.78 21.05 -20.68
CA GLU B 162 -11.10 20.98 -21.99
C GLU B 162 -10.55 19.58 -22.23
N LEU B 163 -10.00 18.95 -21.20
CA LEU B 163 -9.46 17.60 -21.34
C LEU B 163 -10.55 16.62 -21.73
N ILE B 164 -11.65 16.64 -20.98
CA ILE B 164 -12.79 15.74 -21.23
C ILE B 164 -13.31 15.91 -22.65
N LYS B 165 -13.51 17.16 -23.06
CA LYS B 165 -13.92 17.47 -24.43
C LYS B 165 -12.90 16.95 -25.48
N GLU B 166 -11.61 17.11 -25.19
CA GLU B 166 -10.55 16.66 -26.10
C GLU B 166 -10.48 15.14 -26.20
N LEU B 167 -10.74 14.47 -25.08
CA LEU B 167 -10.82 13.00 -25.07
C LEU B 167 -12.05 12.48 -25.82
N GLY B 168 -13.01 13.36 -26.10
CA GLY B 168 -14.20 12.98 -26.87
C GLY B 168 -15.36 12.49 -26.02
N PHE B 169 -15.28 12.71 -24.72
CA PHE B 169 -16.34 12.30 -23.80
C PHE B 169 -17.28 13.45 -23.48
N THR B 170 -18.47 13.10 -23.00
CA THR B 170 -19.46 14.10 -22.59
C THR B 170 -19.01 14.70 -21.27
N TYR B 171 -18.96 16.03 -21.22
CA TYR B 171 -18.69 16.71 -19.96
C TYR B 171 -19.91 16.67 -19.07
N ARG B 172 -19.70 16.19 -17.84
CA ARG B 172 -20.70 16.26 -16.78
C ARG B 172 -20.05 16.86 -15.56
N ILE B 173 -20.82 17.58 -14.75
CA ILE B 173 -20.29 18.11 -13.49
C ILE B 173 -19.93 16.93 -12.58
N PRO B 174 -18.97 17.12 -11.66
CA PRO B 174 -18.52 16.04 -10.77
C PRO B 174 -19.65 15.26 -10.09
N LYS B 175 -20.67 16.00 -9.64
CA LYS B 175 -21.90 15.43 -9.04
C LYS B 175 -22.56 14.35 -9.90
N LYS B 176 -22.45 14.49 -11.22
CA LYS B 176 -23.22 13.67 -12.17
C LYS B 176 -22.38 12.67 -12.99
N ARG B 177 -21.13 12.45 -12.60
CA ARG B 177 -20.28 11.45 -13.24
C ARG B 177 -20.50 10.06 -12.62
N LEU B 178 -20.75 9.04 -13.43
CA LEU B 178 -21.07 7.69 -12.91
C LEU B 178 -20.24 6.61 -13.60
MN MN E . 8.42 -6.50 7.21
S SO4 F . 23.39 -19.13 -8.32
O1 SO4 F . 24.83 -19.22 -8.02
O2 SO4 F . 23.17 -18.28 -9.51
O3 SO4 F . 22.86 -20.49 -8.57
O4 SO4 F . 22.70 -18.54 -7.16
S SO4 G . 6.59 -18.62 26.14
O1 SO4 G . 7.39 -17.86 27.13
O2 SO4 G . 6.33 -17.78 24.96
O3 SO4 G . 5.31 -19.02 26.75
O4 SO4 G . 7.35 -19.84 25.74
MN MN H . -9.24 9.09 0.43
S SO4 I . -20.06 9.51 -22.11
O1 SO4 I . -18.94 10.10 -22.88
O2 SO4 I . -21.22 10.42 -22.17
O3 SO4 I . -20.39 8.20 -22.70
O4 SO4 I . -19.66 9.32 -20.69
S SO4 J . -10.81 29.86 9.30
O1 SO4 J . -9.73 30.65 8.65
O2 SO4 J . -12.07 30.06 8.54
O3 SO4 J . -10.45 28.44 9.29
O4 SO4 J . -10.98 30.33 10.69
S SO4 K . 16.85 19.57 -3.04
O1 SO4 K . 17.90 19.28 -4.04
O2 SO4 K . 16.79 21.03 -2.77
O3 SO4 K . 17.16 18.84 -1.77
O4 SO4 K . 15.54 19.11 -3.56
#